data_2QT5
#
_entry.id   2QT5
#
_cell.length_a   59.100
_cell.length_b   75.925
_cell.length_c   126.380
_cell.angle_alpha   90.000
_cell.angle_beta   90.000
_cell.angle_gamma   90.000
#
_symmetry.space_group_name_H-M   'P 21 21 21'
#
loop_
_entity.id
_entity.type
_entity.pdbx_description
1 polymer 'Glutamate receptor-interacting protein 1'
2 polymer (ASN)(ASN)(LEU)(GLN)(ASP)(GLY)(THR)(GLU)(VAL)
3 non-polymer 1,2-ETHANEDIOL
4 non-polymer 'ACETIC ACID'
5 water water
#
loop_
_entity_poly.entity_id
_entity_poly.type
_entity_poly.pdbx_seq_one_letter_code
_entity_poly.pdbx_strand_id
1 'polypeptide(L)'
;GPGSFKGSTVVELMKKEGTTLGLTVSGGIDKDGKPRVSNLRQGGIAARSDQLDVGDYIKAVNGINLAKFRHDEIISLLKN
VGERVVLEVEYELPPVSIQGSSVMFRTVEVTLHKEGNTFGFVIRGGAHDDRNKSRPVVITCVRPGGPADREGTIKPGDRL
LSVDGIRLLGTTHAEAMSILKQCGQEATLLIEYDVSVMDS
;
A,B
2 'polypeptide(L)' NNLQDGTEV X,Y
#
# COMPACT_ATOMS: atom_id res chain seq x y z
N SER A 4 -32.80 5.18 -5.20
CA SER A 4 -31.75 5.64 -4.22
C SER A 4 -30.37 5.58 -4.85
N PHE A 5 -29.47 6.45 -4.40
CA PHE A 5 -28.08 6.36 -4.84
C PHE A 5 -27.36 5.26 -4.06
N LYS A 6 -26.58 4.46 -4.79
CA LYS A 6 -25.91 3.32 -4.20
C LYS A 6 -24.41 3.52 -4.20
N GLY A 7 -23.76 3.01 -3.16
CA GLY A 7 -22.33 2.79 -3.17
C GLY A 7 -22.05 1.45 -3.82
N SER A 8 -20.89 1.33 -4.45
CA SER A 8 -20.43 0.03 -4.94
C SER A 8 -19.05 -0.35 -4.41
N THR A 9 -18.85 -1.65 -4.29
CA THR A 9 -17.58 -2.19 -3.81
C THR A 9 -17.34 -3.57 -4.43
N VAL A 10 -16.06 -3.93 -4.55
CA VAL A 10 -15.65 -5.23 -5.07
C VAL A 10 -15.09 -6.05 -3.91
N VAL A 11 -15.65 -7.25 -3.72
CA VAL A 11 -15.22 -8.14 -2.65
C VAL A 11 -14.64 -9.43 -3.23
N GLU A 12 -13.41 -9.76 -2.84
CA GLU A 12 -12.77 -11.00 -3.27
C GLU A 12 -12.73 -12.00 -2.11
N LEU A 13 -13.37 -13.16 -2.30
CA LEU A 13 -13.40 -14.22 -1.31
C LEU A 13 -12.69 -15.47 -1.84
N MET A 14 -11.75 -16.00 -1.06
CA MET A 14 -11.05 -17.23 -1.42
C MET A 14 -11.80 -18.45 -0.88
N LYS A 15 -12.22 -19.30 -1.81
CA LYS A 15 -12.99 -20.49 -1.51
C LYS A 15 -12.03 -21.60 -1.05
N LYS A 16 -12.43 -22.33 -0.01
CA LYS A 16 -11.60 -23.41 0.52
C LYS A 16 -12.11 -24.78 0.05
N GLU A 17 -11.16 -25.60 -0.43
CA GLU A 17 -11.41 -26.90 -1.05
C GLU A 17 -12.67 -27.64 -0.59
N GLY A 18 -12.77 -27.93 0.71
CA GLY A 18 -13.88 -28.71 1.24
C GLY A 18 -14.89 -27.93 2.06
N THR A 19 -15.21 -26.71 1.65
CA THR A 19 -16.18 -25.89 2.40
C THR A 19 -16.98 -24.90 1.56
N THR A 20 -18.10 -24.46 2.13
CA THR A 20 -18.93 -23.41 1.59
C THR A 20 -18.42 -22.04 2.06
N LEU A 21 -18.94 -20.98 1.46
CA LEU A 21 -18.49 -19.62 1.77
C LEU A 21 -19.16 -19.01 3.01
N GLY A 22 -20.27 -19.61 3.44
CA GLY A 22 -21.08 -19.07 4.52
C GLY A 22 -21.83 -17.83 4.05
N LEU A 23 -22.29 -17.87 2.80
CA LEU A 23 -22.98 -16.77 2.16
C LEU A 23 -24.34 -17.21 1.63
N THR A 24 -25.41 -16.67 2.19
CA THR A 24 -26.76 -16.95 1.73
C THR A 24 -27.28 -15.83 0.82
N VAL A 25 -27.76 -16.26 -0.34
CA VAL A 25 -28.17 -15.36 -1.40
C VAL A 25 -29.66 -15.55 -1.67
N SER A 26 -30.40 -14.44 -1.69
CA SER A 26 -31.80 -14.45 -2.08
C SER A 26 -31.96 -13.73 -3.42
N GLY A 27 -33.13 -13.86 -4.04
CA GLY A 27 -33.47 -13.07 -5.22
C GLY A 27 -33.09 -13.66 -6.58
N GLY A 28 -33.43 -12.94 -7.64
CA GLY A 28 -33.36 -13.45 -9.01
C GLY A 28 -34.58 -12.97 -9.77
N ILE A 29 -34.53 -13.05 -11.12
CA ILE A 29 -35.63 -12.54 -11.96
CA ILE A 29 -35.61 -12.54 -11.97
C ILE A 29 -36.95 -13.20 -11.65
N ASP A 30 -36.90 -14.43 -11.16
CA ASP A 30 -38.11 -15.21 -10.87
C ASP A 30 -38.57 -15.02 -9.44
N LYS A 31 -37.94 -14.06 -8.75
CA LYS A 31 -38.21 -13.80 -7.34
C LYS A 31 -38.68 -12.38 -7.13
N ASP A 32 -39.08 -12.06 -5.89
CA ASP A 32 -39.55 -10.71 -5.56
C ASP A 32 -38.47 -9.64 -5.64
N GLY A 33 -37.27 -9.99 -5.19
CA GLY A 33 -36.17 -9.04 -5.17
C GLY A 33 -35.00 -9.40 -6.08
N LYS A 34 -34.08 -8.46 -6.21
CA LYS A 34 -32.83 -8.70 -6.92
C LYS A 34 -31.87 -9.52 -6.06
N PRO A 35 -30.81 -10.09 -6.67
CA PRO A 35 -29.82 -10.87 -5.92
C PRO A 35 -29.22 -10.09 -4.75
N ARG A 36 -29.26 -10.69 -3.56
CA ARG A 36 -28.95 -9.99 -2.34
C ARG A 36 -28.38 -10.92 -1.28
N VAL A 37 -27.42 -10.42 -0.49
CA VAL A 37 -26.96 -11.12 0.71
C VAL A 37 -28.08 -11.10 1.76
N SER A 38 -28.59 -12.27 2.11
CA SER A 38 -29.70 -12.36 3.07
C SER A 38 -29.26 -12.93 4.42
N ASN A 39 -28.04 -13.47 4.45
CA ASN A 39 -27.47 -14.01 5.67
C ASN A 39 -25.99 -14.29 5.46
N LEU A 40 -25.22 -14.16 6.53
CA LEU A 40 -23.80 -14.49 6.55
C LEU A 40 -23.57 -15.42 7.73
N ARG A 41 -23.19 -16.67 7.45
CA ARG A 41 -23.01 -17.66 8.51
C ARG A 41 -21.87 -17.26 9.46
N GLN A 42 -22.15 -17.35 10.76
CA GLN A 42 -21.20 -17.04 11.82
C GLN A 42 -19.87 -17.75 11.62
N GLY A 43 -18.79 -16.99 11.64
CA GLY A 43 -17.44 -17.54 11.51
C GLY A 43 -17.07 -18.03 10.13
N GLY A 44 -17.96 -17.84 9.15
CA GLY A 44 -17.72 -18.31 7.78
C GLY A 44 -16.77 -17.40 7.03
N ILE A 45 -16.35 -17.84 5.84
CA ILE A 45 -15.47 -17.04 4.97
C ILE A 45 -16.06 -15.66 4.64
N ALA A 46 -17.34 -15.61 4.28
CA ALA A 46 -18.00 -14.36 3.93
C ALA A 46 -18.10 -13.39 5.12
N ALA A 47 -18.54 -13.89 6.28
CA ALA A 47 -18.59 -13.10 7.52
C ALA A 47 -17.22 -12.55 7.93
N ARG A 48 -16.19 -13.40 7.89
CA ARG A 48 -14.85 -13.02 8.35
C ARG A 48 -14.10 -12.10 7.39
N SER A 49 -14.62 -11.89 6.18
CA SER A 49 -13.99 -10.95 5.25
C SER A 49 -14.10 -9.49 5.73
N ASP A 50 -15.13 -9.21 6.53
CA ASP A 50 -15.44 -7.85 7.00
C ASP A 50 -15.60 -6.89 5.83
N GLN A 51 -16.26 -7.38 4.79
CA GLN A 51 -16.48 -6.62 3.56
C GLN A 51 -17.89 -6.74 3.06
N LEU A 52 -18.68 -7.54 3.77
CA LEU A 52 -20.04 -7.87 3.39
C LEU A 52 -20.99 -7.65 4.55
N ASP A 53 -22.22 -7.30 4.22
CA ASP A 53 -23.27 -7.12 5.20
C ASP A 53 -24.57 -7.67 4.64
N VAL A 54 -25.42 -8.18 5.51
CA VAL A 54 -26.77 -8.57 5.14
C VAL A 54 -27.49 -7.37 4.53
N GLY A 55 -28.07 -7.54 3.35
CA GLY A 55 -28.77 -6.47 2.65
C GLY A 55 -28.02 -5.98 1.42
N ASP A 56 -26.71 -6.24 1.36
CA ASP A 56 -25.92 -5.91 0.17
C ASP A 56 -26.50 -6.56 -1.07
N TYR A 57 -26.49 -5.80 -2.18
CA TYR A 57 -26.87 -6.33 -3.47
C TYR A 57 -25.65 -6.85 -4.20
N ILE A 58 -25.80 -8.01 -4.82
CA ILE A 58 -24.73 -8.57 -5.62
C ILE A 58 -25.06 -8.30 -7.08
N LYS A 59 -24.28 -7.42 -7.71
CA LYS A 59 -24.52 -7.06 -9.10
C LYS A 59 -23.92 -8.12 -10.04
N ALA A 60 -22.75 -8.66 -9.66
CA ALA A 60 -21.99 -9.55 -10.50
C ALA A 60 -21.08 -10.47 -9.70
N VAL A 61 -20.85 -11.67 -10.24
CA VAL A 61 -19.85 -12.60 -9.72
C VAL A 61 -18.87 -12.90 -10.86
N ASN A 62 -17.58 -12.69 -10.62
CA ASN A 62 -16.55 -12.93 -11.62
C ASN A 62 -16.82 -12.25 -12.99
N GLY A 63 -17.44 -11.07 -12.95
CA GLY A 63 -17.71 -10.30 -14.17
C GLY A 63 -18.97 -10.76 -14.89
N ILE A 64 -19.75 -11.59 -14.22
CA ILE A 64 -21.00 -12.05 -14.79
C ILE A 64 -22.15 -11.39 -14.05
N ASN A 65 -22.90 -10.57 -14.79
CA ASN A 65 -24.02 -9.84 -14.23
C ASN A 65 -25.15 -10.78 -13.86
N LEU A 66 -25.63 -10.63 -12.62
CA LEU A 66 -26.57 -11.56 -12.00
C LEU A 66 -28.05 -11.29 -12.31
N ALA A 67 -28.36 -10.06 -12.66
CA ALA A 67 -29.75 -9.59 -12.69
C ALA A 67 -30.69 -10.39 -13.58
N LYS A 68 -30.19 -10.90 -14.70
CA LYS A 68 -31.05 -11.62 -15.66
C LYS A 68 -31.16 -13.13 -15.38
N PHE A 69 -30.41 -13.59 -14.39
CA PHE A 69 -30.46 -14.99 -13.97
C PHE A 69 -31.65 -15.27 -13.05
N ARG A 70 -32.20 -16.49 -13.15
CA ARG A 70 -33.12 -16.99 -12.15
C ARG A 70 -32.33 -17.38 -10.90
N HIS A 71 -33.00 -17.41 -9.76
CA HIS A 71 -32.37 -17.74 -8.47
C HIS A 71 -31.43 -18.95 -8.54
N ASP A 72 -31.96 -20.09 -9.00
CA ASP A 72 -31.22 -21.36 -9.04
C ASP A 72 -29.99 -21.29 -9.93
N GLU A 73 -30.05 -20.50 -10.98
CA GLU A 73 -28.92 -20.27 -11.87
C GLU A 73 -27.79 -19.50 -11.18
N ILE A 74 -28.16 -18.55 -10.32
CA ILE A 74 -27.19 -17.77 -9.54
C ILE A 74 -26.44 -18.68 -8.57
N ILE A 75 -27.20 -19.55 -7.91
CA ILE A 75 -26.65 -20.53 -6.98
C ILE A 75 -25.68 -21.51 -7.67
N SER A 76 -26.08 -22.01 -8.85
CA SER A 76 -25.23 -22.91 -9.66
C SER A 76 -23.91 -22.23 -10.01
N LEU A 77 -24.00 -20.96 -10.40
CA LEU A 77 -22.83 -20.12 -10.67
C LEU A 77 -21.90 -20.06 -9.45
N LEU A 78 -22.44 -19.66 -8.30
CA LEU A 78 -21.65 -19.55 -7.07
C LEU A 78 -21.05 -20.88 -6.60
N LYS A 79 -21.78 -21.98 -6.78
CA LYS A 79 -21.28 -23.28 -6.35
C LYS A 79 -20.19 -23.85 -7.28
N ASN A 80 -20.11 -23.31 -8.49
CA ASN A 80 -19.12 -23.79 -9.46
C ASN A 80 -17.94 -22.85 -9.74
N VAL A 81 -17.85 -21.75 -9.00
CA VAL A 81 -16.70 -20.85 -9.07
C VAL A 81 -15.48 -21.58 -8.52
N GLY A 82 -14.31 -21.26 -9.07
CA GLY A 82 -13.02 -21.74 -8.55
C GLY A 82 -12.71 -21.09 -7.21
N GLU A 83 -11.44 -21.11 -6.82
CA GLU A 83 -11.09 -20.59 -5.49
C GLU A 83 -11.28 -19.09 -5.34
N ARG A 84 -11.25 -18.36 -6.44
CA ARG A 84 -11.37 -16.91 -6.41
C ARG A 84 -12.78 -16.47 -6.79
N VAL A 85 -13.50 -15.96 -5.81
CA VAL A 85 -14.82 -15.38 -6.03
C VAL A 85 -14.71 -13.87 -5.92
N VAL A 86 -15.15 -13.18 -6.98
CA VAL A 86 -15.09 -11.73 -7.03
C VAL A 86 -16.53 -11.21 -7.13
N LEU A 87 -17.01 -10.65 -6.02
CA LEU A 87 -18.36 -10.10 -5.98
C LEU A 87 -18.34 -8.59 -6.16
N GLU A 88 -19.10 -8.12 -7.14
CA GLU A 88 -19.37 -6.69 -7.27
C GLU A 88 -20.63 -6.40 -6.48
N VAL A 89 -20.49 -5.58 -5.45
CA VAL A 89 -21.55 -5.34 -4.48
C VAL A 89 -22.05 -3.88 -4.58
N GLU A 90 -23.36 -3.71 -4.45
CA GLU A 90 -23.96 -2.39 -4.31
C GLU A 90 -24.70 -2.30 -2.98
N TYR A 91 -24.61 -1.14 -2.34
CA TYR A 91 -25.19 -0.98 -1.02
C TYR A 91 -25.81 0.40 -0.82
N GLU A 92 -26.80 0.44 0.04
CA GLU A 92 -27.44 1.68 0.47
C GLU A 92 -26.40 2.52 1.20
N LEU A 93 -26.26 3.78 0.78
CA LEU A 93 -25.24 4.65 1.35
C LEU A 93 -25.49 4.93 2.83
N PRO A 94 -24.43 5.00 3.63
CA PRO A 94 -24.64 5.36 5.04
C PRO A 94 -25.12 6.79 5.15
N PRO A 95 -26.19 7.04 5.92
CA PRO A 95 -26.65 8.41 6.18
C PRO A 95 -25.53 9.26 6.77
N VAL A 96 -25.44 10.52 6.33
CA VAL A 96 -24.48 11.45 6.91
C VAL A 96 -25.02 12.00 8.23
N SER A 97 -24.26 11.77 9.29
CA SER A 97 -24.55 12.34 10.59
C SER A 97 -24.08 13.80 10.60
N ILE A 98 -24.96 14.71 11.01
CA ILE A 98 -24.62 16.14 11.07
C ILE A 98 -24.74 16.68 12.48
N GLN A 99 -23.78 17.53 12.87
CA GLN A 99 -23.82 18.18 14.18
C GLN A 99 -25.01 19.13 14.23
N GLY A 100 -25.83 18.96 15.25
CA GLY A 100 -27.00 19.81 15.45
C GLY A 100 -26.97 20.46 16.80
N SER A 101 -28.13 20.89 17.28
CA SER A 101 -28.27 21.43 18.61
C SER A 101 -28.12 20.32 19.67
N SER A 102 -28.59 19.12 19.34
CA SER A 102 -28.57 17.99 20.27
C SER A 102 -27.49 16.93 19.96
N VAL A 103 -26.70 17.14 18.91
CA VAL A 103 -25.67 16.19 18.51
C VAL A 103 -24.31 16.87 18.33
N MET A 104 -23.30 16.35 19.02
CA MET A 104 -21.94 16.86 18.98
C MET A 104 -21.01 15.71 18.58
N PHE A 105 -19.95 16.02 17.83
CA PHE A 105 -18.94 15.03 17.47
C PHE A 105 -17.72 15.08 18.39
N ARG A 106 -17.23 13.90 18.77
CA ARG A 106 -15.96 13.78 19.48
C ARG A 106 -15.07 12.76 18.79
N THR A 107 -13.78 12.75 19.14
CA THR A 107 -12.85 11.76 18.60
C THR A 107 -12.19 10.94 19.70
N VAL A 108 -11.72 9.75 19.33
CA VAL A 108 -10.95 8.88 20.22
C VAL A 108 -10.01 8.03 19.39
N GLU A 109 -8.79 7.83 19.88
CA GLU A 109 -7.83 6.95 19.22
C GLU A 109 -8.07 5.51 19.69
N VAL A 110 -8.09 4.59 18.75
CA VAL A 110 -8.29 3.18 19.06
C VAL A 110 -7.17 2.38 18.41
N THR A 111 -6.46 1.61 19.22
CA THR A 111 -5.42 0.73 18.71
C THR A 111 -5.97 -0.69 18.68
N LEU A 112 -5.69 -1.39 17.58
CA LEU A 112 -6.20 -2.72 17.35
C LEU A 112 -5.10 -3.55 16.71
N HIS A 113 -5.15 -4.86 16.94
CA HIS A 113 -4.27 -5.79 16.28
C HIS A 113 -5.10 -6.64 15.35
N LYS A 114 -4.54 -6.96 14.18
CA LYS A 114 -5.24 -7.76 13.19
C LYS A 114 -5.41 -9.21 13.62
N GLU A 115 -6.39 -9.87 13.00
CA GLU A 115 -6.64 -11.29 13.17
C GLU A 115 -7.24 -11.75 11.86
N GLY A 116 -6.58 -12.71 11.21
CA GLY A 116 -6.96 -13.13 9.87
C GLY A 116 -6.86 -12.00 8.87
N ASN A 117 -5.90 -11.10 9.10
CA ASN A 117 -5.62 -9.93 8.26
C ASN A 117 -6.70 -8.83 8.23
N THR A 118 -7.66 -8.87 9.17
CA THR A 118 -8.70 -7.84 9.27
C THR A 118 -8.87 -7.32 10.70
N PHE A 119 -9.51 -6.15 10.83
CA PHE A 119 -9.75 -5.52 12.13
C PHE A 119 -11.12 -5.82 12.72
N GLY A 120 -11.94 -6.59 11.99
CA GLY A 120 -13.26 -6.98 12.49
C GLY A 120 -14.31 -5.90 12.42
N PHE A 121 -14.25 -5.06 11.39
CA PHE A 121 -15.31 -4.07 11.13
C PHE A 121 -15.50 -3.85 9.64
N VAL A 122 -16.70 -3.46 9.24
CA VAL A 122 -17.00 -3.18 7.84
C VAL A 122 -17.04 -1.66 7.66
N ILE A 123 -16.37 -1.15 6.63
CA ILE A 123 -16.51 0.27 6.26
C ILE A 123 -17.33 0.46 5.00
N ARG A 124 -18.10 1.55 4.99
CA ARG A 124 -18.96 1.92 3.87
C ARG A 124 -18.90 3.43 3.68
N GLY A 125 -19.07 3.87 2.44
CA GLY A 125 -18.94 5.28 2.12
C GLY A 125 -17.55 5.58 1.60
N GLY A 126 -17.16 6.84 1.63
CA GLY A 126 -15.92 7.26 1.02
C GLY A 126 -16.17 8.30 -0.05
N ALA A 127 -15.09 9.02 -0.41
CA ALA A 127 -15.15 10.10 -1.39
C ALA A 127 -15.52 9.57 -2.77
N HIS A 128 -16.24 10.40 -3.52
CA HIS A 128 -16.70 10.06 -4.86
C HIS A 128 -16.86 11.35 -5.65
N ASP A 129 -16.57 11.29 -6.95
CA ASP A 129 -16.75 12.45 -7.85
C ASP A 129 -18.20 12.86 -7.95
N ASP A 130 -19.10 11.88 -7.99
CA ASP A 130 -20.52 12.12 -7.88
C ASP A 130 -20.84 12.41 -6.42
N ARG A 131 -21.15 13.66 -6.11
CA ARG A 131 -21.39 14.07 -4.73
C ARG A 131 -22.65 13.44 -4.13
N ASN A 132 -23.51 12.89 -4.99
CA ASN A 132 -24.66 12.12 -4.54
C ASN A 132 -24.24 10.84 -3.82
N LYS A 133 -23.08 10.31 -4.18
CA LYS A 133 -22.58 9.05 -3.62
C LYS A 133 -21.51 9.27 -2.56
N SER A 134 -20.98 10.49 -2.51
CA SER A 134 -19.87 10.84 -1.61
C SER A 134 -20.33 10.86 -0.16
N ARG A 135 -19.52 10.24 0.71
CA ARG A 135 -19.87 10.05 2.12
C ARG A 135 -18.61 10.02 2.98
N PRO A 136 -18.73 10.34 4.28
CA PRO A 136 -17.62 9.97 5.17
C PRO A 136 -17.47 8.44 5.21
N VAL A 137 -16.28 7.98 5.59
CA VAL A 137 -16.04 6.56 5.75
C VAL A 137 -16.67 6.13 7.08
N VAL A 138 -17.75 5.37 6.98
CA VAL A 138 -18.54 4.95 8.12
C VAL A 138 -18.30 3.46 8.44
N ILE A 139 -18.07 3.17 9.72
CA ILE A 139 -17.96 1.79 10.20
C ILE A 139 -19.38 1.32 10.46
N THR A 140 -19.88 0.44 9.59
CA THR A 140 -21.30 0.05 9.66
C THR A 140 -21.56 -1.19 10.49
N CYS A 141 -20.57 -2.08 10.59
CA CYS A 141 -20.70 -3.32 11.34
C CYS A 141 -19.44 -3.60 12.10
N VAL A 142 -19.62 -4.19 13.28
CA VAL A 142 -18.49 -4.68 14.08
C VAL A 142 -18.75 -6.16 14.39
N ARG A 143 -18.00 -7.03 13.71
CA ARG A 143 -18.15 -8.48 13.85
C ARG A 143 -17.86 -8.97 15.27
N PRO A 144 -18.89 -9.51 15.96
CA PRO A 144 -18.71 -10.01 17.32
C PRO A 144 -17.58 -11.04 17.41
N GLY A 145 -16.75 -10.89 18.44
CA GLY A 145 -15.60 -11.76 18.62
C GLY A 145 -14.36 -11.33 17.87
N GLY A 146 -14.52 -10.42 16.90
CA GLY A 146 -13.37 -9.91 16.16
C GLY A 146 -12.62 -8.85 16.96
N PRO A 147 -11.44 -8.42 16.45
CA PRO A 147 -10.57 -7.45 17.14
C PRO A 147 -11.28 -6.17 17.60
N ALA A 148 -11.97 -5.48 16.69
CA ALA A 148 -12.70 -4.25 17.04
C ALA A 148 -13.72 -4.48 18.14
N ASP A 149 -14.39 -5.63 18.10
CA ASP A 149 -15.39 -6.01 19.10
C ASP A 149 -14.77 -6.26 20.48
N ARG A 150 -13.65 -6.99 20.50
CA ARG A 150 -12.94 -7.30 21.74
C ARG A 150 -12.40 -6.05 22.46
N GLU A 151 -11.85 -5.11 21.69
CA GLU A 151 -11.31 -3.88 22.28
C GLU A 151 -12.45 -3.02 22.83
N GLY A 152 -13.61 -3.05 22.18
CA GLY A 152 -14.85 -2.54 22.76
C GLY A 152 -15.23 -1.09 22.53
N THR A 153 -14.33 -0.31 21.92
CA THR A 153 -14.58 1.13 21.73
C THR A 153 -15.42 1.45 20.49
N ILE A 154 -15.04 0.91 19.33
CA ILE A 154 -15.71 1.20 18.04
C ILE A 154 -17.14 0.66 17.99
N LYS A 155 -18.08 1.51 17.56
CA LYS A 155 -19.49 1.14 17.42
C LYS A 155 -20.01 1.41 16.00
N PRO A 156 -21.01 0.61 15.55
CA PRO A 156 -21.61 0.91 14.26
C PRO A 156 -22.11 2.37 14.22
N GLY A 157 -21.84 3.09 13.13
CA GLY A 157 -22.21 4.49 13.01
C GLY A 157 -21.03 5.43 13.19
N ASP A 158 -19.97 4.94 13.84
CA ASP A 158 -18.74 5.70 14.00
C ASP A 158 -18.08 5.95 12.65
N ARG A 159 -17.32 7.04 12.56
CA ARG A 159 -16.59 7.38 11.35
C ARG A 159 -15.12 7.07 11.53
N LEU A 160 -14.50 6.50 10.48
CA LEU A 160 -13.06 6.31 10.46
C LEU A 160 -12.40 7.53 9.82
N LEU A 161 -11.58 8.23 10.60
CA LEU A 161 -10.95 9.48 10.15
C LEU A 161 -9.52 9.27 9.67
N SER A 162 -8.76 8.46 10.40
CA SER A 162 -7.39 8.16 9.99
C SER A 162 -6.90 6.81 10.45
N VAL A 163 -5.91 6.30 9.73
CA VAL A 163 -5.32 5.00 9.98
C VAL A 163 -3.81 5.24 10.08
N ASP A 164 -3.28 5.13 11.31
CA ASP A 164 -1.88 5.45 11.61
C ASP A 164 -1.50 6.86 11.14
N GLY A 165 -2.34 7.84 11.48
CA GLY A 165 -2.11 9.23 11.08
C GLY A 165 -2.36 9.57 9.61
N ILE A 166 -2.66 8.56 8.80
CA ILE A 166 -3.05 8.78 7.40
C ILE A 166 -4.54 9.09 7.34
N ARG A 167 -4.87 10.33 6.98
CA ARG A 167 -6.26 10.81 7.01
C ARG A 167 -7.08 10.32 5.82
N LEU A 168 -8.35 10.02 6.08
CA LEU A 168 -9.22 9.41 5.07
C LEU A 168 -10.09 10.41 4.31
N LEU A 169 -10.02 11.67 4.69
CA LEU A 169 -10.68 12.74 3.94
C LEU A 169 -10.18 12.73 2.50
N GLY A 170 -11.12 12.76 1.56
CA GLY A 170 -10.80 12.75 0.14
C GLY A 170 -10.54 11.37 -0.45
N THR A 171 -10.45 10.35 0.39
CA THR A 171 -10.15 8.99 -0.08
C THR A 171 -11.43 8.20 -0.41
N THR A 172 -11.37 7.44 -1.50
CA THR A 172 -12.48 6.60 -1.92
C THR A 172 -12.58 5.37 -1.02
N HIS A 173 -13.68 4.63 -1.15
CA HIS A 173 -13.87 3.37 -0.44
C HIS A 173 -12.74 2.38 -0.73
N ALA A 174 -12.42 2.19 -2.01
CA ALA A 174 -11.33 1.30 -2.43
C ALA A 174 -9.99 1.73 -1.86
N GLU A 175 -9.76 3.05 -1.81
CA GLU A 175 -8.52 3.59 -1.28
C GLU A 175 -8.42 3.37 0.23
N ALA A 176 -9.51 3.66 0.94
CA ALA A 176 -9.57 3.46 2.39
C ALA A 176 -9.36 2.00 2.76
N MET A 177 -9.95 1.09 1.99
CA MET A 177 -9.74 -0.36 2.17
C MET A 177 -8.27 -0.77 1.98
N SER A 178 -7.59 -0.16 1.00
CA SER A 178 -6.18 -0.46 0.73
C SER A 178 -5.29 0.05 1.86
N ILE A 179 -5.61 1.24 2.36
CA ILE A 179 -4.92 1.81 3.51
C ILE A 179 -5.01 0.88 4.73
N LEU A 180 -6.19 0.29 4.94
CA LEU A 180 -6.38 -0.69 6.02
C LEU A 180 -5.71 -2.04 5.71
N LYS A 181 -5.61 -2.39 4.43
CA LYS A 181 -4.96 -3.64 4.04
C LYS A 181 -3.42 -3.53 4.12
N GLN A 182 -2.88 -2.41 3.64
CA GLN A 182 -1.44 -2.16 3.66
C GLN A 182 -1.02 -1.49 4.96
N CYS A 183 -1.40 -2.11 6.06
CA CYS A 183 -1.46 -1.44 7.35
C CYS A 183 -0.46 -1.99 8.34
N GLY A 184 -0.07 -3.25 8.17
CA GLY A 184 0.71 -3.97 9.16
C GLY A 184 -0.24 -4.70 10.08
N GLN A 185 0.29 -5.38 11.09
CA GLN A 185 -0.55 -6.20 11.96
C GLN A 185 -1.18 -5.42 13.09
N GLU A 186 -0.65 -4.23 13.34
CA GLU A 186 -1.21 -3.34 14.35
C GLU A 186 -1.47 -1.99 13.71
N ALA A 187 -2.39 -1.22 14.30
CA ALA A 187 -2.74 0.09 13.79
C ALA A 187 -3.46 0.91 14.83
N THR A 188 -3.21 2.21 14.79
CA THR A 188 -3.94 3.17 15.58
C THR A 188 -4.88 3.89 14.65
N LEU A 189 -6.16 3.87 14.99
CA LEU A 189 -7.21 4.44 14.17
C LEU A 189 -7.81 5.63 14.91
N LEU A 190 -8.11 6.70 14.18
CA LEU A 190 -8.85 7.81 14.78
C LEU A 190 -10.33 7.66 14.42
N ILE A 191 -11.16 7.66 15.46
CA ILE A 191 -12.57 7.38 15.36
C ILE A 191 -13.39 8.60 15.76
N GLU A 192 -14.37 8.96 14.94
CA GLU A 192 -15.31 10.02 15.28
C GLU A 192 -16.67 9.41 15.59
N TYR A 193 -17.36 9.98 16.58
CA TYR A 193 -18.63 9.42 17.04
C TYR A 193 -19.58 10.51 17.54
N ASP A 194 -20.87 10.18 17.59
CA ASP A 194 -21.89 11.11 18.07
C ASP A 194 -22.00 11.14 19.59
N VAL A 195 -22.20 12.33 20.13
CA VAL A 195 -22.52 12.54 21.54
C VAL A 195 -23.80 13.36 21.60
N SER A 196 -24.75 12.94 22.42
CA SER A 196 -25.95 13.73 22.68
C SER A 196 -25.61 15.02 23.42
N VAL A 197 -26.38 16.08 23.17
CA VAL A 197 -26.15 17.41 23.73
C VAL A 197 -24.71 17.88 23.53
N SER B 4 3.35 5.92 -15.80
CA SER B 4 3.37 7.32 -15.26
C SER B 4 4.81 7.85 -15.19
N PHE B 5 4.96 9.09 -14.72
CA PHE B 5 6.28 9.68 -14.55
C PHE B 5 7.05 9.06 -13.37
N LYS B 6 8.26 8.61 -13.68
CA LYS B 6 9.14 8.01 -12.73
C LYS B 6 10.33 8.93 -12.54
N GLY B 7 11.07 8.73 -11.46
CA GLY B 7 12.39 9.30 -11.37
C GLY B 7 13.38 8.29 -11.93
N SER B 8 14.61 8.74 -12.14
CA SER B 8 15.64 7.85 -12.62
C SER B 8 16.96 8.11 -11.95
N THR B 9 17.76 7.07 -11.87
CA THR B 9 19.12 7.20 -11.36
C THR B 9 19.99 6.15 -12.05
N VAL B 10 21.30 6.28 -11.86
CA VAL B 10 22.26 5.34 -12.37
C VAL B 10 22.96 4.70 -11.18
N VAL B 11 23.07 3.38 -11.19
CA VAL B 11 23.63 2.66 -10.06
C VAL B 11 24.78 1.81 -10.54
N GLU B 12 25.96 2.05 -9.96
CA GLU B 12 27.17 1.30 -10.29
CA GLU B 12 27.15 1.30 -10.29
C GLU B 12 27.46 0.28 -9.20
N LEU B 13 27.62 -0.98 -9.60
CA LEU B 13 27.95 -2.06 -8.66
C LEU B 13 29.27 -2.69 -9.03
N MET B 14 30.15 -2.86 -8.04
CA MET B 14 31.43 -3.50 -8.27
C MET B 14 31.34 -4.98 -7.88
N LYS B 15 31.55 -5.85 -8.87
CA LYS B 15 31.51 -7.29 -8.63
C LYS B 15 32.70 -7.75 -7.79
N LYS B 16 32.46 -8.76 -6.97
CA LYS B 16 33.52 -9.41 -6.19
C LYS B 16 33.52 -10.90 -6.53
N GLU B 17 34.64 -11.34 -7.10
CA GLU B 17 34.78 -12.70 -7.63
C GLU B 17 34.65 -13.78 -6.56
N GLY B 18 33.78 -14.75 -6.82
CA GLY B 18 33.47 -15.81 -5.86
C GLY B 18 32.11 -15.64 -5.20
N THR B 19 31.48 -14.48 -5.42
CA THR B 19 30.14 -14.21 -4.91
C THR B 19 29.21 -13.64 -5.99
N THR B 20 27.92 -13.68 -5.70
CA THR B 20 26.91 -13.06 -6.55
C THR B 20 26.76 -11.59 -6.15
N LEU B 21 25.91 -10.86 -6.87
CA LEU B 21 25.63 -9.46 -6.56
C LEU B 21 24.59 -9.35 -5.44
N GLY B 22 23.86 -10.43 -5.20
CA GLY B 22 22.74 -10.42 -4.26
C GLY B 22 21.57 -9.64 -4.84
N LEU B 23 21.38 -9.75 -6.15
CA LEU B 23 20.33 -9.04 -6.88
C LEU B 23 19.39 -10.00 -7.58
N THR B 24 18.13 -9.97 -7.19
CA THR B 24 17.13 -10.79 -7.85
C THR B 24 16.33 -9.92 -8.78
N VAL B 25 16.16 -10.39 -10.00
CA VAL B 25 15.53 -9.63 -11.05
C VAL B 25 14.36 -10.43 -11.59
N SER B 26 13.21 -9.78 -11.70
CA SER B 26 12.04 -10.36 -12.34
C SER B 26 11.74 -9.61 -13.62
N GLY B 27 10.95 -10.23 -14.49
CA GLY B 27 10.44 -9.54 -15.67
C GLY B 27 11.24 -9.83 -16.93
N GLY B 28 10.78 -9.26 -18.04
CA GLY B 28 11.32 -9.52 -19.37
C GLY B 28 10.16 -9.50 -20.34
N ILE B 29 10.47 -9.40 -21.64
CA ILE B 29 9.46 -9.30 -22.69
C ILE B 29 8.58 -10.56 -22.78
N ASP B 30 9.07 -11.67 -22.26
CA ASP B 30 8.32 -12.93 -22.27
C ASP B 30 7.59 -13.13 -20.94
N LYS B 31 7.53 -12.08 -20.12
CA LYS B 31 6.87 -12.12 -18.81
C LYS B 31 5.77 -11.07 -18.71
N ASP B 32 4.94 -11.18 -17.67
CA ASP B 32 3.89 -10.17 -17.43
C ASP B 32 4.46 -8.80 -17.06
N GLY B 33 5.54 -8.78 -16.29
CA GLY B 33 6.19 -7.53 -15.89
C GLY B 33 7.47 -7.18 -16.63
N LYS B 34 7.79 -5.89 -16.59
CA LYS B 34 9.03 -5.35 -17.10
C LYS B 34 10.18 -5.67 -16.13
N PRO B 35 11.44 -5.59 -16.63
CA PRO B 35 12.61 -5.90 -15.79
C PRO B 35 12.65 -5.04 -14.53
N ARG B 36 12.79 -5.72 -13.39
CA ARG B 36 12.53 -5.11 -12.09
C ARG B 36 13.36 -5.80 -11.02
N VAL B 37 13.78 -5.01 -10.03
CA VAL B 37 14.39 -5.53 -8.82
C VAL B 37 13.28 -6.16 -7.96
N SER B 38 13.37 -7.47 -7.73
CA SER B 38 12.36 -8.16 -6.93
C SER B 38 12.87 -8.56 -5.54
N ASN B 39 14.18 -8.62 -5.37
CA ASN B 39 14.76 -8.95 -4.07
C ASN B 39 16.20 -8.48 -4.00
N LEU B 40 16.61 -8.04 -2.81
CA LEU B 40 18.00 -7.71 -2.52
C LEU B 40 18.43 -8.52 -1.31
N ARG B 41 19.42 -9.38 -1.51
CA ARG B 41 19.88 -10.28 -0.45
CA ARG B 41 19.88 -10.29 -0.46
C ARG B 41 20.59 -9.53 0.67
N GLN B 42 20.10 -9.74 1.90
CA GLN B 42 20.72 -9.19 3.10
C GLN B 42 22.24 -9.38 3.05
N GLY B 43 22.99 -8.30 3.24
CA GLY B 43 24.46 -8.35 3.24
C GLY B 43 25.14 -8.36 1.86
N GLY B 44 24.33 -8.50 0.80
CA GLY B 44 24.87 -8.52 -0.56
C GLY B 44 25.34 -7.17 -1.07
N ILE B 45 26.09 -7.19 -2.17
CA ILE B 45 26.64 -6.00 -2.79
C ILE B 45 25.54 -5.01 -3.19
N ALA B 46 24.46 -5.53 -3.77
CA ALA B 46 23.39 -4.68 -4.29
C ALA B 46 22.63 -3.98 -3.17
N ALA B 47 22.30 -4.73 -2.12
CA ALA B 47 21.71 -4.15 -0.91
C ALA B 47 22.61 -3.09 -0.27
N ARG B 48 23.91 -3.38 -0.19
CA ARG B 48 24.86 -2.50 0.52
C ARG B 48 25.24 -1.26 -0.28
N SER B 49 24.83 -1.20 -1.54
CA SER B 49 25.07 0.00 -2.35
C SER B 49 24.17 1.14 -1.89
N ASP B 50 23.05 0.80 -1.23
CA ASP B 50 22.08 1.77 -0.71
C ASP B 50 21.51 2.67 -1.82
N GLN B 51 21.43 2.12 -3.03
CA GLN B 51 20.94 2.87 -4.19
C GLN B 51 19.80 2.15 -4.90
N LEU B 52 19.41 1.00 -4.39
CA LEU B 52 18.38 0.17 -5.02
C LEU B 52 17.30 -0.23 -4.03
N ASP B 53 16.06 -0.23 -4.50
CA ASP B 53 14.95 -0.73 -3.73
C ASP B 53 14.22 -1.80 -4.52
N VAL B 54 13.65 -2.75 -3.80
CA VAL B 54 12.73 -3.72 -4.38
C VAL B 54 11.60 -2.94 -5.04
N GLY B 55 11.32 -3.25 -6.31
CA GLY B 55 10.31 -2.52 -7.06
C GLY B 55 10.88 -1.64 -8.18
N ASP B 56 12.14 -1.22 -8.03
CA ASP B 56 12.83 -0.40 -9.03
C ASP B 56 12.87 -1.09 -10.39
N TYR B 57 12.60 -0.34 -11.45
CA TYR B 57 12.69 -0.84 -12.82
C TYR B 57 14.11 -0.70 -13.37
N ILE B 58 14.59 -1.77 -14.02
CA ILE B 58 15.89 -1.73 -14.67
C ILE B 58 15.71 -1.51 -16.17
N LYS B 59 16.06 -0.32 -16.63
CA LYS B 59 15.87 0.06 -18.02
C LYS B 59 16.99 -0.46 -18.90
N ALA B 60 18.21 -0.43 -18.36
CA ALA B 60 19.41 -0.85 -19.08
C ALA B 60 20.51 -1.31 -18.13
N VAL B 61 21.35 -2.22 -18.64
CA VAL B 61 22.54 -2.71 -17.96
C VAL B 61 23.71 -2.42 -18.88
N ASN B 62 24.68 -1.66 -18.38
CA ASN B 62 25.87 -1.30 -19.15
C ASN B 62 25.56 -0.71 -20.54
N GLY B 63 24.53 0.14 -20.62
CA GLY B 63 24.16 0.77 -21.88
C GLY B 63 23.39 -0.12 -22.84
N ILE B 64 22.99 -1.31 -22.38
CA ILE B 64 22.16 -2.21 -23.17
C ILE B 64 20.70 -2.13 -22.71
N ASN B 65 19.83 -1.62 -23.60
CA ASN B 65 18.43 -1.47 -23.26
C ASN B 65 17.75 -2.83 -23.14
N LEU B 66 17.04 -3.02 -22.02
CA LEU B 66 16.44 -4.30 -21.67
C LEU B 66 15.07 -4.57 -22.27
N ALA B 67 14.50 -3.59 -22.97
CA ALA B 67 13.09 -3.69 -23.44
C ALA B 67 12.75 -4.93 -24.27
N LYS B 68 13.68 -5.36 -25.12
CA LYS B 68 13.43 -6.45 -26.06
C LYS B 68 13.97 -7.79 -25.60
N PHE B 69 14.50 -7.84 -24.38
CA PHE B 69 15.11 -9.04 -23.82
C PHE B 69 14.12 -9.93 -23.07
N ARG B 70 14.26 -11.23 -23.28
CA ARG B 70 13.55 -12.23 -22.51
C ARG B 70 14.20 -12.34 -21.14
N HIS B 71 13.43 -12.82 -20.16
CA HIS B 71 13.93 -12.92 -18.78
C HIS B 71 15.33 -13.52 -18.71
N ASP B 72 15.49 -14.73 -19.23
CA ASP B 72 16.78 -15.46 -19.14
C ASP B 72 17.95 -14.76 -19.82
N GLU B 73 17.65 -13.98 -20.84
CA GLU B 73 18.66 -13.20 -21.56
C GLU B 73 19.22 -12.06 -20.69
N ILE B 74 18.34 -11.44 -19.91
CA ILE B 74 18.72 -10.40 -18.96
C ILE B 74 19.64 -10.99 -17.88
N ILE B 75 19.26 -12.14 -17.36
CA ILE B 75 20.05 -12.87 -16.37
C ILE B 75 21.46 -13.22 -16.87
N SER B 76 21.55 -13.77 -18.08
CA SER B 76 22.84 -14.04 -18.71
C SER B 76 23.69 -12.78 -18.88
N LEU B 77 23.03 -11.68 -19.22
CA LEU B 77 23.72 -10.41 -19.37
C LEU B 77 24.40 -10.02 -18.06
N LEU B 78 23.61 -10.03 -16.98
CA LEU B 78 24.10 -9.65 -15.67
C LEU B 78 25.19 -10.58 -15.16
N LYS B 79 25.01 -11.89 -15.40
CA LYS B 79 25.97 -12.90 -14.99
C LYS B 79 27.33 -12.72 -15.68
N ASN B 80 27.30 -12.22 -16.91
CA ASN B 80 28.51 -12.08 -17.71
C ASN B 80 29.18 -10.70 -17.74
N VAL B 81 28.62 -9.74 -16.99
CA VAL B 81 29.31 -8.47 -16.81
C VAL B 81 30.64 -8.75 -16.11
N GLY B 82 31.70 -8.15 -16.62
CA GLY B 82 33.05 -8.35 -16.09
C GLY B 82 33.22 -7.99 -14.62
N GLU B 83 33.16 -6.70 -14.32
CA GLU B 83 33.46 -6.21 -12.98
C GLU B 83 32.60 -5.03 -12.55
N ARG B 84 32.16 -4.24 -13.52
CA ARG B 84 31.41 -3.03 -13.27
C ARG B 84 30.03 -3.10 -13.92
N VAL B 85 29.01 -3.27 -13.07
CA VAL B 85 27.63 -3.31 -13.51
C VAL B 85 27.06 -1.90 -13.37
N VAL B 86 26.58 -1.34 -14.48
CA VAL B 86 26.00 0.00 -14.48
C VAL B 86 24.50 -0.10 -14.82
N LEU B 87 23.65 0.17 -13.82
CA LEU B 87 22.21 0.06 -14.00
C LEU B 87 21.55 1.42 -14.15
N GLU B 88 20.78 1.56 -15.24
CA GLU B 88 19.87 2.69 -15.37
C GLU B 88 18.53 2.29 -14.78
N VAL B 89 18.16 2.98 -13.72
CA VAL B 89 17.05 2.58 -12.88
C VAL B 89 15.92 3.60 -12.97
N GLU B 90 14.68 3.12 -13.00
CA GLU B 90 13.52 4.00 -12.84
C GLU B 90 12.73 3.63 -11.61
N TYR B 91 12.20 4.65 -10.94
CA TYR B 91 11.49 4.44 -9.71
C TYR B 91 10.25 5.34 -9.66
N GLU B 92 9.26 4.89 -8.90
CA GLU B 92 8.08 5.71 -8.65
C GLU B 92 8.44 6.84 -7.69
N LEU B 93 8.01 8.05 -8.01
CA LEU B 93 8.32 9.21 -7.18
C LEU B 93 7.78 9.01 -5.76
N PRO B 94 8.55 9.44 -4.74
CA PRO B 94 8.03 9.39 -3.38
C PRO B 94 6.87 10.38 -3.20
N PRO B 95 5.93 10.08 -2.28
CA PRO B 95 4.82 11.00 -2.07
C PRO B 95 5.30 12.36 -1.55
N VAL B 96 4.57 13.41 -1.89
CA VAL B 96 4.93 14.76 -1.44
C VAL B 96 4.53 14.99 0.03
N SER B 97 5.39 15.67 0.79
CA SER B 97 5.09 15.95 2.21
C SER B 97 4.60 17.39 2.42
N ILE B 98 3.36 17.51 2.90
CA ILE B 98 2.78 18.82 3.21
C ILE B 98 2.43 18.91 4.69
N GLN B 99 2.81 20.02 5.32
CA GLN B 99 2.37 20.36 6.66
C GLN B 99 0.93 20.87 6.63
N GLY B 100 0.03 20.13 7.26
CA GLY B 100 -1.38 20.52 7.36
C GLY B 100 -1.81 20.55 8.82
N SER B 101 -3.12 20.57 9.05
CA SER B 101 -3.67 20.59 10.41
C SER B 101 -3.42 19.28 11.17
N SER B 102 -3.15 18.21 10.41
CA SER B 102 -2.90 16.89 11.00
C SER B 102 -1.41 16.61 11.27
N VAL B 103 -0.54 17.08 10.38
CA VAL B 103 0.90 16.79 10.49
C VAL B 103 1.77 18.05 10.54
N MET B 104 2.73 18.05 11.48
CA MET B 104 3.77 19.06 11.51
C MET B 104 5.14 18.39 11.39
N PHE B 105 6.15 19.17 10.98
CA PHE B 105 7.50 18.64 10.78
C PHE B 105 8.44 19.09 11.88
N ARG B 106 9.28 18.17 12.33
CA ARG B 106 10.40 18.50 13.21
C ARG B 106 11.70 17.96 12.61
N THR B 107 12.83 18.44 13.11
CA THR B 107 14.14 18.03 12.62
C THR B 107 15.03 17.44 13.74
N VAL B 108 15.98 16.60 13.34
CA VAL B 108 16.94 16.04 14.28
C VAL B 108 18.29 15.85 13.59
N GLU B 109 19.36 16.18 14.31
CA GLU B 109 20.72 15.93 13.85
C GLU B 109 21.16 14.49 14.13
N VAL B 110 21.61 13.80 13.08
CA VAL B 110 22.04 12.42 13.18
C VAL B 110 23.43 12.31 12.61
N THR B 111 24.38 11.89 13.44
CA THR B 111 25.76 11.73 13.04
C THR B 111 26.03 10.25 12.77
N LEU B 112 26.55 9.97 11.58
CA LEU B 112 26.77 8.60 11.13
C LEU B 112 28.17 8.46 10.54
N HIS B 113 28.72 7.25 10.62
CA HIS B 113 29.94 6.92 9.89
C HIS B 113 29.63 5.97 8.73
N LYS B 114 30.27 6.21 7.60
CA LYS B 114 30.02 5.47 6.36
C LYS B 114 30.44 4.00 6.41
N GLU B 115 29.60 3.14 5.83
CA GLU B 115 29.91 1.74 5.54
C GLU B 115 30.08 1.64 4.02
N GLY B 116 31.22 1.16 3.58
CA GLY B 116 31.62 1.32 2.18
C GLY B 116 31.83 2.81 2.01
N ASN B 117 31.10 3.43 1.09
CA ASN B 117 31.03 4.89 1.05
C ASN B 117 29.58 5.36 1.12
N THR B 118 28.76 4.62 1.87
CA THR B 118 27.33 4.97 2.05
C THR B 118 26.89 4.87 3.52
N PHE B 119 25.70 5.40 3.80
CA PHE B 119 25.21 5.59 5.17
C PHE B 119 24.10 4.61 5.60
N GLY B 120 23.74 3.66 4.75
CA GLY B 120 22.74 2.66 5.11
C GLY B 120 21.31 3.11 4.89
N PHE B 121 21.11 4.04 3.96
CA PHE B 121 19.76 4.41 3.52
C PHE B 121 19.75 4.79 2.04
N VAL B 122 18.56 4.68 1.46
CA VAL B 122 18.32 5.01 0.05
C VAL B 122 17.57 6.33 0.00
N ILE B 123 17.95 7.21 -0.93
CA ILE B 123 17.20 8.46 -1.15
C ILE B 123 16.54 8.50 -2.54
N ARG B 124 15.37 9.13 -2.61
CA ARG B 124 14.62 9.27 -3.86
C ARG B 124 13.95 10.64 -3.86
N GLY B 125 13.66 11.16 -5.05
CA GLY B 125 13.00 12.45 -5.17
C GLY B 125 13.98 13.48 -5.66
N GLY B 126 13.94 14.66 -5.04
CA GLY B 126 14.77 15.79 -5.47
C GLY B 126 14.07 16.63 -6.53
N ALA B 127 14.71 17.72 -6.91
CA ALA B 127 14.13 18.65 -7.86
C ALA B 127 14.14 18.11 -9.29
N HIS B 128 13.17 18.57 -10.08
CA HIS B 128 13.02 18.22 -11.49
C HIS B 128 12.73 19.48 -12.29
N ASP B 129 13.14 19.48 -13.56
CA ASP B 129 12.73 20.51 -14.52
C ASP B 129 11.21 20.61 -14.62
N ASP B 130 10.53 19.46 -14.57
CA ASP B 130 9.08 19.44 -14.45
C ASP B 130 8.76 19.57 -12.98
N ARG B 131 8.33 20.76 -12.58
CA ARG B 131 8.09 21.12 -11.18
C ARG B 131 7.06 20.27 -10.48
N ASN B 132 6.11 19.72 -11.25
CA ASN B 132 5.15 18.73 -10.75
C ASN B 132 5.85 17.48 -10.24
N LYS B 133 7.02 17.19 -10.82
CA LYS B 133 7.80 16.02 -10.43
C LYS B 133 8.82 16.28 -9.30
N SER B 134 9.09 17.55 -8.98
CA SER B 134 9.95 17.88 -7.84
C SER B 134 9.43 17.30 -6.53
N ARG B 135 10.33 16.70 -5.77
CA ARG B 135 10.03 16.14 -4.46
C ARG B 135 11.17 16.55 -3.55
N PRO B 136 10.94 16.45 -2.23
CA PRO B 136 12.08 16.57 -1.32
C PRO B 136 13.03 15.38 -1.46
N VAL B 137 14.17 15.41 -0.77
CA VAL B 137 15.06 14.26 -0.74
C VAL B 137 14.52 13.30 0.32
N VAL B 138 13.75 12.31 -0.15
CA VAL B 138 13.09 11.36 0.74
C VAL B 138 13.95 10.13 0.99
N ILE B 139 14.16 9.80 2.26
CA ILE B 139 14.79 8.54 2.67
C ILE B 139 13.73 7.43 2.59
N THR B 140 13.85 6.58 1.57
CA THR B 140 12.79 5.60 1.31
C THR B 140 13.02 4.26 1.99
N CYS B 141 14.29 3.94 2.26
CA CYS B 141 14.68 2.64 2.80
CA CYS B 141 14.65 2.65 2.81
C CYS B 141 15.81 2.77 3.79
N VAL B 142 15.76 1.97 4.84
CA VAL B 142 16.86 1.91 5.81
C VAL B 142 17.31 0.47 5.86
N ARG B 143 18.54 0.23 5.39
CA ARG B 143 19.09 -1.11 5.30
C ARG B 143 19.32 -1.72 6.69
N PRO B 144 18.72 -2.91 6.97
CA PRO B 144 19.02 -3.65 8.19
C PRO B 144 20.51 -3.84 8.42
N GLY B 145 21.01 -3.31 9.55
CA GLY B 145 22.40 -3.51 9.95
C GLY B 145 23.39 -2.52 9.39
N GLY B 146 22.92 -1.58 8.56
CA GLY B 146 23.78 -0.50 8.08
C GLY B 146 23.84 0.61 9.13
N PRO B 147 24.70 1.62 8.91
CA PRO B 147 24.90 2.71 9.87
C PRO B 147 23.61 3.40 10.36
N ALA B 148 22.73 3.80 9.45
CA ALA B 148 21.50 4.50 9.84
C ALA B 148 20.59 3.62 10.70
N ASP B 149 20.52 2.33 10.36
CA ASP B 149 19.76 1.33 11.11
C ASP B 149 20.25 1.18 12.55
N ARG B 150 21.57 1.07 12.71
CA ARG B 150 22.21 0.85 14.01
C ARG B 150 22.10 2.05 14.94
N GLU B 151 22.09 3.26 14.38
CA GLU B 151 21.97 4.47 15.18
C GLU B 151 20.53 4.66 15.66
N GLY B 152 19.57 4.22 14.87
CA GLY B 152 18.17 4.10 15.33
C GLY B 152 17.20 5.22 14.99
N THR B 153 17.69 6.41 14.68
CA THR B 153 16.82 7.59 14.52
C THR B 153 16.06 7.62 13.18
N ILE B 154 16.77 7.47 12.07
CA ILE B 154 16.21 7.63 10.72
C ILE B 154 15.23 6.51 10.33
N LYS B 155 14.09 6.92 9.78
CA LYS B 155 13.06 5.98 9.34
C LYS B 155 12.64 6.24 7.89
N PRO B 156 12.20 5.19 7.17
CA PRO B 156 11.65 5.42 5.84
C PRO B 156 10.59 6.50 5.87
N GLY B 157 10.64 7.42 4.91
CA GLY B 157 9.68 8.51 4.82
C GLY B 157 10.19 9.84 5.37
N ASP B 158 11.25 9.79 6.18
CA ASP B 158 11.96 11.01 6.62
C ASP B 158 12.63 11.72 5.43
N ARG B 159 12.86 13.01 5.56
CA ARG B 159 13.54 13.79 4.52
C ARG B 159 14.97 14.13 4.97
N LEU B 160 15.89 14.19 4.01
CA LEU B 160 17.28 14.60 4.26
C LEU B 160 17.40 16.05 3.85
N LEU B 161 17.68 16.92 4.81
CA LEU B 161 17.71 18.37 4.58
C LEU B 161 19.12 18.91 4.32
N SER B 162 20.10 18.28 4.94
CA SER B 162 21.48 18.72 4.80
C SER B 162 22.47 17.63 5.24
N VAL B 163 23.66 17.72 4.67
CA VAL B 163 24.72 16.76 4.87
C VAL B 163 25.95 17.56 5.25
N ASP B 164 26.47 17.36 6.45
CA ASP B 164 27.62 18.14 6.93
C ASP B 164 27.45 19.66 6.78
N GLY B 165 26.25 20.16 6.98
CA GLY B 165 25.99 21.58 6.79
C GLY B 165 25.68 21.95 5.36
N ILE B 166 25.91 21.04 4.42
CA ILE B 166 25.60 21.29 3.00
C ILE B 166 24.09 21.05 2.77
N ARG B 167 23.37 22.13 2.44
CA ARG B 167 21.92 22.09 2.29
C ARG B 167 21.49 21.40 0.99
N LEU B 168 20.40 20.64 1.06
CA LEU B 168 19.91 19.90 -0.10
C LEU B 168 18.73 20.59 -0.80
N LEU B 169 18.32 21.75 -0.30
CA LEU B 169 17.26 22.54 -0.91
C LEU B 169 17.54 22.81 -2.38
N GLY B 170 16.63 22.37 -3.25
CA GLY B 170 16.75 22.56 -4.68
C GLY B 170 17.66 21.59 -5.41
N THR B 171 18.28 20.65 -4.69
CA THR B 171 19.14 19.65 -5.36
C THR B 171 18.31 18.63 -6.10
N THR B 172 18.82 18.22 -7.26
CA THR B 172 18.32 17.05 -7.95
C THR B 172 18.79 15.82 -7.17
N HIS B 173 18.20 14.67 -7.47
CA HIS B 173 18.63 13.39 -6.90
C HIS B 173 20.13 13.13 -7.18
N ALA B 174 20.58 13.39 -8.41
CA ALA B 174 21.99 13.18 -8.78
C ALA B 174 22.93 14.11 -7.99
N GLU B 175 22.50 15.35 -7.77
CA GLU B 175 23.27 16.32 -6.98
C GLU B 175 23.35 15.92 -5.51
N ALA B 176 22.22 15.47 -4.94
CA ALA B 176 22.20 14.96 -3.56
C ALA B 176 23.11 13.74 -3.39
N MET B 177 23.04 12.80 -4.33
CA MET B 177 23.97 11.65 -4.35
C MET B 177 25.43 12.09 -4.40
N SER B 178 25.74 13.09 -5.21
CA SER B 178 27.10 13.62 -5.31
CA SER B 178 27.10 13.63 -5.32
C SER B 178 27.60 14.18 -3.97
N ILE B 179 26.73 14.92 -3.29
CA ILE B 179 27.05 15.46 -1.98
C ILE B 179 27.30 14.33 -0.97
N LEU B 180 26.38 13.36 -0.92
CA LEU B 180 26.52 12.22 -0.01
C LEU B 180 27.76 11.38 -0.29
N LYS B 181 28.13 11.29 -1.56
CA LYS B 181 29.29 10.53 -2.00
C LYS B 181 30.58 11.24 -1.63
N GLN B 182 30.59 12.56 -1.77
CA GLN B 182 31.83 13.34 -1.62
C GLN B 182 32.03 13.90 -0.22
N CYS B 183 30.97 13.92 0.59
CA CYS B 183 31.11 14.36 1.98
C CYS B 183 32.06 13.41 2.72
N GLY B 184 32.59 13.84 3.86
CA GLY B 184 33.56 13.03 4.61
C GLY B 184 33.05 11.66 5.02
N GLN B 185 33.86 10.95 5.82
CA GLN B 185 33.51 9.59 6.27
C GLN B 185 32.61 9.57 7.50
N GLU B 186 32.62 10.66 8.26
CA GLU B 186 31.68 10.85 9.35
C GLU B 186 30.96 12.16 9.07
N ALA B 187 29.63 12.12 9.09
CA ALA B 187 28.83 13.29 8.72
C ALA B 187 27.63 13.45 9.62
N THR B 188 27.34 14.70 9.97
CA THR B 188 26.11 15.00 10.66
C THR B 188 25.05 15.34 9.61
N LEU B 189 23.95 14.59 9.66
CA LEU B 189 22.84 14.78 8.74
C LEU B 189 21.68 15.45 9.46
N LEU B 190 21.03 16.40 8.78
CA LEU B 190 19.78 16.98 9.29
C LEU B 190 18.59 16.27 8.67
N ILE B 191 17.79 15.66 9.55
CA ILE B 191 16.69 14.79 9.17
C ILE B 191 15.37 15.42 9.57
N GLU B 192 14.48 15.54 8.60
CA GLU B 192 13.12 16.00 8.84
C GLU B 192 12.17 14.81 8.98
N TYR B 193 11.29 14.84 9.98
CA TYR B 193 10.33 13.76 10.21
C TYR B 193 8.93 14.28 10.55
N ASP B 194 7.93 13.42 10.35
CA ASP B 194 6.54 13.75 10.63
C ASP B 194 6.19 13.63 12.12
N VAL B 195 5.38 14.57 12.58
CA VAL B 195 4.75 14.52 13.90
C VAL B 195 3.26 14.80 13.71
N SER B 196 2.42 13.88 14.19
CA SER B 196 0.96 14.08 14.13
C SER B 196 0.38 14.52 15.47
N GLY C 6 -33.86 -17.66 0.55
CA GLY C 6 -32.53 -17.68 -0.14
C GLY C 6 -31.79 -19.00 0.05
N THR C 7 -30.69 -19.15 -0.69
CA THR C 7 -29.90 -20.39 -0.64
C THR C 7 -28.44 -20.10 -0.25
N GLU C 8 -27.91 -20.92 0.64
CA GLU C 8 -26.53 -20.78 1.10
C GLU C 8 -25.52 -21.42 0.14
N VAL C 9 -24.44 -20.69 -0.10
CA VAL C 9 -23.30 -21.19 -0.87
C VAL C 9 -22.02 -21.07 -0.05
N GLY D 6 11.47 -14.47 -10.06
CA GLY D 6 12.78 -13.77 -10.25
C GLY D 6 14.00 -14.67 -10.11
N THR D 7 15.11 -14.25 -10.72
CA THR D 7 16.37 -14.98 -10.63
C THR D 7 17.48 -14.11 -10.02
N GLU D 8 18.23 -14.69 -9.09
CA GLU D 8 19.32 -14.00 -8.42
C GLU D 8 20.61 -14.03 -9.22
N VAL D 9 21.24 -12.87 -9.34
CA VAL D 9 22.58 -12.74 -9.90
C VAL D 9 23.49 -12.09 -8.85
#